data_6WVB
#
_entry.id   6WVB
#
_cell.length_a   65.503
_cell.length_b   93.386
_cell.length_c   162.973
_cell.angle_alpha   90.000
_cell.angle_beta   90.000
_cell.angle_gamma   90.000
#
_symmetry.space_group_name_H-M   'I 2 2 2'
#
loop_
_entity.id
_entity.type
_entity.pdbx_description
1 polymer 'Vitamin K epoxide reductase-like protein, termini restrained by green fluorescent protein'
2 non-polymer S-WARFARIN
3 water water
#
_entity_poly.entity_id   1
_entity_poly.type   'polypeptide(L)'
_entity_poly.pdbx_seq_one_letter_code
;MSKGEELFTGVVPILVELDGDVNGHKFSVRGEGEGDATNGKLTLKFICTTGKLPVPWPTLVTTL(CRO)VQCFSRYPDHM
KRHDFFKSAMPEGYVQERTISFKDDGTYKTRAEVKFEGDTLVNRIELKGIDFKEDGNILGHKLEYNLRVSTPRWERIARV
LVCLLGILLSLYAFHVEREHARDPSYKALCDVSSSISCSKVFGSRWGRGFGLLGSIFGNDSALNQPNSVYGIVFYAFQLL
LGMTVSAMAALILMTTSIMSVVGSLYLGYILYFVLKDLCVICVTTYALNFILFVLNYKRLVYLNEAWKQKLQAKQDNSHN
VYITADKQKNGIKANFKIRHNVEDGSVQLADHYQQNTPIGDGPVLLPDNHYLSTQSVLSKDPNEKRDHMVLLEFVTAAGI
THGMDELYKSNSLEVLFQ
;
_entity_poly.pdbx_strand_id   A
#
loop_
_chem_comp.id
_chem_comp.type
_chem_comp.name
_chem_comp.formula
SWF non-polymer S-WARFARIN 'C19 H16 O4'
#
# COMPACT_ATOMS: atom_id res chain seq x y z
N LYS A 3 11.18 -24.85 24.33
CA LYS A 3 10.32 -25.08 23.18
C LYS A 3 10.89 -24.44 21.92
N GLY A 4 12.10 -23.89 22.03
CA GLY A 4 12.66 -23.04 21.00
C GLY A 4 12.27 -21.59 21.23
N GLU A 5 11.06 -21.37 21.73
CA GLU A 5 10.67 -20.06 22.22
C GLU A 5 11.48 -19.66 23.44
N GLU A 6 12.05 -20.64 24.15
CA GLU A 6 12.97 -20.36 25.25
C GLU A 6 14.30 -19.79 24.76
N LEU A 7 14.67 -20.07 23.51
CA LEU A 7 15.92 -19.56 22.95
C LEU A 7 15.89 -18.07 22.64
N PHE A 8 14.73 -17.42 22.77
CA PHE A 8 14.60 -16.00 22.40
C PHE A 8 14.25 -15.12 23.58
N THR A 9 14.41 -15.62 24.81
CA THR A 9 14.13 -14.83 26.00
C THR A 9 15.27 -13.90 26.39
N GLY A 10 16.35 -13.87 25.61
CA GLY A 10 17.45 -12.97 25.86
C GLY A 10 17.95 -12.34 24.58
N VAL A 11 19.24 -12.01 24.51
CA VAL A 11 19.83 -11.49 23.29
C VAL A 11 20.39 -12.65 22.49
N VAL A 12 20.25 -12.58 21.16
CA VAL A 12 20.67 -13.63 20.27
C VAL A 12 21.52 -13.01 19.16
N PRO A 13 22.81 -13.35 19.05
CA PRO A 13 23.60 -12.83 17.93
C PRO A 13 23.03 -13.27 16.59
N ILE A 14 23.10 -12.37 15.62
CA ILE A 14 22.54 -12.61 14.30
C ILE A 14 23.62 -12.42 13.25
N LEU A 15 23.76 -13.40 12.36
CA LEU A 15 24.63 -13.31 11.19
C LEU A 15 23.81 -13.58 9.94
N VAL A 16 23.91 -12.68 8.96
CA VAL A 16 23.23 -12.87 7.69
C VAL A 16 24.27 -12.82 6.57
N GLU A 17 24.04 -13.64 5.54
CA GLU A 17 24.88 -13.66 4.36
C GLU A 17 24.00 -13.85 3.14
N LEU A 18 24.26 -13.09 2.08
CA LEU A 18 23.44 -13.12 0.88
C LEU A 18 24.32 -13.04 -0.35
N ASP A 19 24.18 -14.02 -1.24
CA ASP A 19 24.80 -14.01 -2.55
C ASP A 19 23.71 -13.99 -3.61
N GLY A 20 23.95 -13.26 -4.69
CA GLY A 20 22.95 -13.15 -5.73
C GLY A 20 23.51 -12.54 -7.00
N ASP A 21 22.76 -12.73 -8.08
CA ASP A 21 23.07 -12.11 -9.37
C ASP A 21 21.78 -11.52 -9.93
N VAL A 22 21.86 -10.29 -10.40
CA VAL A 22 20.70 -9.58 -10.95
C VAL A 22 21.07 -9.17 -12.37
N ASN A 23 20.45 -9.84 -13.36
CA ASN A 23 20.71 -9.57 -14.77
C ASN A 23 22.20 -9.72 -15.10
N GLY A 24 22.87 -10.61 -14.39
CA GLY A 24 24.29 -10.85 -14.57
C GLY A 24 25.16 -10.21 -13.52
N HIS A 25 24.72 -9.11 -12.92
CA HIS A 25 25.51 -8.39 -11.95
C HIS A 25 25.46 -9.12 -10.60
N LYS A 26 26.60 -9.59 -10.13
CA LYS A 26 26.69 -10.30 -8.87
C LYS A 26 27.11 -9.37 -7.74
N PHE A 27 26.91 -9.83 -6.51
CA PHE A 27 27.23 -9.07 -5.31
C PHE A 27 27.05 -9.98 -4.10
N SER A 28 27.76 -9.64 -3.02
CA SER A 28 27.68 -10.39 -1.77
C SER A 28 27.50 -9.41 -0.62
N VAL A 29 26.60 -9.75 0.30
CA VAL A 29 26.31 -8.92 1.46
C VAL A 29 26.47 -9.75 2.72
N ARG A 30 27.10 -9.16 3.74
CA ARG A 30 27.25 -9.79 5.05
C ARG A 30 26.82 -8.79 6.10
N GLY A 31 25.95 -9.22 7.02
CA GLY A 31 25.46 -8.36 8.08
C GLY A 31 25.72 -8.99 9.44
N GLU A 32 25.87 -8.14 10.45
CA GLU A 32 26.20 -8.59 11.79
C GLU A 32 25.40 -7.79 12.81
N GLY A 33 24.88 -8.47 13.83
CA GLY A 33 24.12 -7.78 14.86
C GLY A 33 23.53 -8.77 15.84
N GLU A 34 22.48 -8.31 16.54
CA GLU A 34 21.81 -9.11 17.55
C GLU A 34 20.30 -8.91 17.44
N GLY A 35 19.54 -9.64 18.25
CA GLY A 35 18.10 -9.58 18.21
C GLY A 35 17.43 -9.74 19.55
N ASP A 36 16.40 -8.93 19.81
CA ASP A 36 15.65 -8.95 21.07
C ASP A 36 14.20 -9.29 20.73
N ALA A 37 13.84 -10.57 20.88
CA ALA A 37 12.48 -11.00 20.55
C ALA A 37 11.47 -10.61 21.62
N THR A 38 11.91 -10.46 22.87
CA THR A 38 11.00 -10.06 23.94
C THR A 38 10.42 -8.67 23.70
N ASN A 39 11.21 -7.78 23.09
CA ASN A 39 10.76 -6.44 22.75
C ASN A 39 10.55 -6.26 21.24
N GLY A 40 10.78 -7.30 20.44
CA GLY A 40 10.60 -7.21 19.00
C GLY A 40 11.52 -6.22 18.35
N LYS A 41 12.83 -6.45 18.45
CA LYS A 41 13.83 -5.53 17.91
C LYS A 41 14.99 -6.32 17.30
N LEU A 42 15.59 -5.76 16.27
CA LEU A 42 16.82 -6.26 15.69
C LEU A 42 17.68 -5.07 15.31
N THR A 43 18.99 -5.30 15.29
CA THR A 43 19.92 -4.26 14.86
C THR A 43 21.08 -4.94 14.14
N LEU A 44 21.34 -4.53 12.90
CA LEU A 44 22.41 -5.14 12.11
C LEU A 44 23.11 -4.06 11.30
N LYS A 45 24.32 -4.39 10.86
CA LYS A 45 25.10 -3.55 9.96
C LYS A 45 25.56 -4.41 8.79
N PHE A 46 24.96 -4.19 7.62
CA PHE A 46 25.26 -4.95 6.42
C PHE A 46 26.33 -4.23 5.61
N ILE A 47 27.24 -5.00 5.01
CA ILE A 47 28.28 -4.46 4.14
C ILE A 47 28.31 -5.27 2.87
N CYS A 48 28.23 -4.59 1.73
CA CYS A 48 28.41 -5.23 0.43
C CYS A 48 29.90 -5.49 0.22
N THR A 49 30.30 -6.76 0.30
CA THR A 49 31.71 -7.12 0.26
C THR A 49 32.31 -7.02 -1.14
N THR A 50 31.49 -7.03 -2.19
CA THR A 50 32.01 -7.00 -3.55
C THR A 50 32.20 -5.58 -4.08
N GLY A 51 31.63 -4.57 -3.43
CA GLY A 51 31.79 -3.20 -3.87
C GLY A 51 30.53 -2.39 -3.71
N LYS A 52 29.98 -1.92 -4.83
CA LYS A 52 28.75 -1.14 -4.84
C LYS A 52 27.58 -2.06 -5.11
N LEU A 53 26.51 -1.89 -4.33
CA LEU A 53 25.32 -2.70 -4.50
C LEU A 53 24.65 -2.33 -5.83
N PRO A 54 24.42 -3.29 -6.73
CA PRO A 54 23.80 -2.96 -8.02
C PRO A 54 22.33 -2.59 -7.92
N VAL A 55 21.73 -2.71 -6.73
CA VAL A 55 20.32 -2.35 -6.52
C VAL A 55 20.25 -1.45 -5.29
N PRO A 56 19.18 -0.66 -5.17
CA PRO A 56 19.03 0.17 -3.97
C PRO A 56 18.87 -0.69 -2.72
N TRP A 57 19.46 -0.23 -1.62
CA TRP A 57 19.41 -0.95 -0.34
C TRP A 57 17.99 -1.26 0.13
N PRO A 58 17.02 -0.34 0.06
CA PRO A 58 15.69 -0.67 0.62
C PRO A 58 15.02 -1.86 -0.05
N THR A 59 15.35 -2.18 -1.30
CA THR A 59 14.73 -3.31 -1.97
C THR A 59 15.19 -4.66 -1.42
N LEU A 60 16.20 -4.67 -0.53
CA LEU A 60 16.69 -5.89 0.07
C LEU A 60 16.43 -5.98 1.56
N VAL A 61 15.69 -5.02 2.13
CA VAL A 61 15.38 -5.05 3.56
C VAL A 61 14.50 -6.26 3.88
N THR A 62 13.49 -6.51 3.04
CA THR A 62 12.59 -7.64 3.30
C THR A 62 13.31 -8.98 3.16
N THR A 63 14.34 -9.05 2.32
CA THR A 63 15.02 -10.31 2.09
C THR A 63 15.98 -10.65 3.24
N LEU A 64 16.79 -9.68 3.64
CA LEU A 64 17.78 -9.88 4.70
C LEU A 64 17.11 -10.07 6.05
N1 CRO A 65 16.18 -9.27 6.61
CA1 CRO A 65 15.41 -9.49 7.82
CB1 CRO A 65 15.34 -8.20 8.61
CG1 CRO A 65 16.62 -8.03 9.41
OG1 CRO A 65 15.20 -7.12 7.73
C1 CRO A 65 14.00 -9.96 7.46
N2 CRO A 65 12.85 -9.13 7.47
N3 CRO A 65 13.67 -11.32 7.07
C2 CRO A 65 12.22 -11.33 6.82
O2 CRO A 65 11.56 -12.25 6.49
CA2 CRO A 65 11.71 -9.89 7.09
CA3 CRO A 65 14.59 -12.44 6.96
C3 CRO A 65 14.21 -13.52 7.98
O3 CRO A 65 14.40 -14.73 7.71
CB2 CRO A 65 10.46 -9.49 6.97
CG2 CRO A 65 10.03 -8.07 6.59
CD1 CRO A 65 10.85 -6.98 6.81
CD2 CRO A 65 8.77 -7.89 6.02
CE1 CRO A 65 10.43 -5.70 6.46
CE2 CRO A 65 8.35 -6.61 5.67
CZ CRO A 65 9.18 -5.52 5.88
OH CRO A 65 8.75 -4.23 5.53
N VAL A 66 14.35 -12.70 9.13
CA VAL A 66 14.44 -13.45 10.38
C VAL A 66 13.30 -13.06 11.32
N GLN A 67 12.09 -13.41 10.93
CA GLN A 67 10.86 -13.07 11.67
C GLN A 67 10.69 -13.85 12.97
N CYS A 68 11.69 -14.62 13.39
CA CYS A 68 11.64 -15.32 14.67
C CYS A 68 11.95 -14.40 15.85
N PHE A 69 12.22 -13.12 15.60
CA PHE A 69 12.40 -12.12 16.65
C PHE A 69 11.18 -11.22 16.79
N SER A 70 10.03 -11.66 16.28
CA SER A 70 8.80 -10.92 16.46
C SER A 70 8.31 -11.06 17.89
N ARG A 71 7.59 -10.04 18.36
CA ARG A 71 7.03 -10.02 19.71
C ARG A 71 5.59 -10.48 19.63
N TYR A 72 5.30 -11.65 20.19
CA TYR A 72 3.94 -12.15 20.27
C TYR A 72 3.41 -11.91 21.67
N PRO A 73 2.31 -11.16 21.83
CA PRO A 73 1.70 -11.00 23.16
C PRO A 73 1.37 -12.36 23.76
N ASP A 74 1.13 -12.36 25.07
CA ASP A 74 0.77 -13.58 25.76
C ASP A 74 -0.50 -14.21 25.20
N HIS A 75 -1.30 -13.43 24.46
CA HIS A 75 -2.49 -13.97 23.81
C HIS A 75 -2.11 -14.86 22.64
N MET A 76 -1.23 -14.37 21.77
CA MET A 76 -0.99 -14.95 20.46
C MET A 76 0.25 -15.83 20.39
N LYS A 77 0.89 -16.13 21.53
CA LYS A 77 2.05 -16.99 21.49
C LYS A 77 1.70 -18.43 21.10
N ARG A 78 0.41 -18.75 21.00
CA ARG A 78 -0.02 -20.01 20.41
C ARG A 78 0.24 -20.03 18.90
N HIS A 79 0.37 -18.87 18.27
CA HIS A 79 0.47 -18.76 16.82
C HIS A 79 1.87 -18.36 16.35
N ASP A 80 2.90 -18.73 17.10
CA ASP A 80 4.29 -18.37 16.78
C ASP A 80 4.95 -19.59 16.15
N PHE A 81 4.88 -19.66 14.82
CA PHE A 81 5.50 -20.78 14.10
C PHE A 81 7.01 -20.64 14.05
N PHE A 82 7.52 -19.40 13.98
CA PHE A 82 8.93 -19.19 13.75
C PHE A 82 9.77 -19.74 14.90
N LYS A 83 9.37 -19.45 16.14
CA LYS A 83 10.15 -19.92 17.28
C LYS A 83 9.95 -21.41 17.53
N SER A 84 8.83 -21.97 17.06
CA SER A 84 8.60 -23.40 17.25
C SER A 84 9.58 -24.23 16.43
N ALA A 85 9.90 -23.78 15.22
CA ALA A 85 10.78 -24.53 14.32
C ALA A 85 12.24 -24.48 14.75
N MET A 86 12.59 -23.64 15.75
CA MET A 86 13.95 -23.52 16.23
C MET A 86 14.23 -24.57 17.30
N PRO A 87 15.50 -24.99 17.49
CA PRO A 87 16.72 -24.50 16.80
C PRO A 87 16.93 -25.12 15.42
N GLU A 88 16.11 -26.10 15.06
CA GLU A 88 16.24 -26.74 13.75
C GLU A 88 16.17 -25.71 12.63
N GLY A 89 15.17 -24.86 12.66
CA GLY A 89 15.03 -23.76 11.73
C GLY A 89 13.98 -24.03 10.66
N TYR A 90 13.82 -23.05 9.78
CA TYR A 90 12.88 -23.13 8.68
C TYR A 90 13.53 -22.62 7.41
N VAL A 91 12.89 -22.93 6.27
CA VAL A 91 13.32 -22.47 4.95
C VAL A 91 12.31 -21.45 4.46
N GLN A 92 12.80 -20.28 4.04
CA GLN A 92 11.94 -19.17 3.63
C GLN A 92 12.22 -18.87 2.16
N GLU A 93 11.29 -19.25 1.29
CA GLU A 93 11.35 -18.92 -0.13
C GLU A 93 10.40 -17.76 -0.41
N ARG A 94 10.82 -16.87 -1.31
CA ARG A 94 10.05 -15.68 -1.62
C ARG A 94 10.08 -15.40 -3.12
N THR A 95 9.11 -14.59 -3.56
CA THR A 95 9.07 -14.04 -4.89
C THR A 95 8.66 -12.58 -4.78
N ILE A 96 9.55 -11.68 -5.17
CA ILE A 96 9.32 -10.24 -5.10
C ILE A 96 9.19 -9.71 -6.52
N SER A 97 8.01 -9.23 -6.87
CA SER A 97 7.71 -8.76 -8.22
C SER A 97 7.58 -7.24 -8.20
N PHE A 98 8.51 -6.56 -8.88
CA PHE A 98 8.51 -5.11 -8.96
C PHE A 98 7.65 -4.67 -10.14
N LYS A 99 6.64 -3.83 -9.86
CA LYS A 99 5.71 -3.40 -10.90
C LYS A 99 6.45 -2.71 -12.05
N ASP A 100 6.14 -3.14 -13.27
CA ASP A 100 6.74 -2.59 -14.48
C ASP A 100 8.26 -2.83 -14.52
N ASP A 101 8.72 -3.88 -13.87
CA ASP A 101 10.14 -4.19 -13.83
C ASP A 101 10.30 -5.68 -13.51
N GLY A 102 11.54 -6.11 -13.29
CA GLY A 102 11.83 -7.50 -13.04
C GLY A 102 11.37 -7.95 -11.66
N THR A 103 11.72 -9.20 -11.34
CA THR A 103 11.32 -9.83 -10.10
C THR A 103 12.51 -10.42 -9.37
N TYR A 104 12.41 -10.47 -8.04
CA TYR A 104 13.40 -11.15 -7.22
C TYR A 104 12.95 -12.59 -6.93
N LYS A 105 13.92 -13.51 -6.87
CA LYS A 105 13.65 -14.89 -6.49
C LYS A 105 14.64 -15.27 -5.41
N THR A 106 14.14 -15.51 -4.19
CA THR A 106 14.99 -15.74 -3.03
C THR A 106 14.67 -17.08 -2.39
N ARG A 107 15.70 -17.70 -1.81
CA ARG A 107 15.55 -18.87 -0.95
C ARG A 107 16.51 -18.70 0.22
N ALA A 108 16.02 -18.94 1.44
CA ALA A 108 16.80 -18.67 2.63
C ALA A 108 16.60 -19.79 3.64
N GLU A 109 17.67 -20.09 4.38
CA GLU A 109 17.64 -21.03 5.48
C GLU A 109 17.97 -20.29 6.77
N VAL A 110 17.00 -20.23 7.68
CA VAL A 110 17.14 -19.53 8.96
C VAL A 110 17.28 -20.58 10.04
N LYS A 111 18.42 -20.59 10.73
CA LYS A 111 18.74 -21.67 11.65
C LYS A 111 19.72 -21.18 12.70
N PHE A 112 19.82 -21.95 13.79
CA PHE A 112 20.79 -21.68 14.84
C PHE A 112 22.10 -22.41 14.53
N GLU A 113 23.21 -21.72 14.77
CA GLU A 113 24.56 -22.27 14.56
C GLU A 113 25.37 -21.93 15.80
N GLY A 114 25.33 -22.82 16.79
CA GLY A 114 25.90 -22.52 18.09
C GLY A 114 24.94 -21.70 18.92
N ASP A 115 25.39 -20.53 19.37
CA ASP A 115 24.53 -19.56 20.05
C ASP A 115 24.16 -18.40 19.12
N THR A 116 24.14 -18.65 17.81
CA THR A 116 23.93 -17.59 16.83
C THR A 116 22.81 -17.98 15.88
N LEU A 117 21.87 -17.06 15.69
CA LEU A 117 20.83 -17.20 14.66
C LEU A 117 21.40 -16.73 13.33
N VAL A 118 21.40 -17.61 12.34
CA VAL A 118 22.06 -17.35 11.06
C VAL A 118 21.03 -17.43 9.94
N ASN A 119 21.10 -16.49 9.01
CA ASN A 119 20.21 -16.44 7.84
C ASN A 119 21.08 -16.44 6.59
N ARG A 120 21.03 -17.54 5.83
CA ARG A 120 21.77 -17.68 4.59
C ARG A 120 20.79 -17.61 3.43
N ILE A 121 21.03 -16.67 2.52
CA ILE A 121 20.07 -16.34 1.46
C ILE A 121 20.75 -16.42 0.10
N GLU A 122 20.01 -16.91 -0.89
CA GLU A 122 20.42 -16.84 -2.29
C GLU A 122 19.34 -16.07 -3.05
N LEU A 123 19.77 -15.10 -3.85
CA LEU A 123 18.86 -14.22 -4.58
C LEU A 123 19.11 -14.31 -6.08
N LYS A 124 18.04 -14.24 -6.87
CA LYS A 124 18.12 -14.23 -8.32
C LYS A 124 17.27 -13.09 -8.85
N GLY A 125 17.88 -12.12 -9.52
CA GLY A 125 17.15 -11.04 -10.14
C GLY A 125 17.03 -11.20 -11.65
N ILE A 126 15.81 -11.27 -12.17
CA ILE A 126 15.57 -11.66 -13.56
C ILE A 126 14.70 -10.62 -14.26
N ASP A 127 15.09 -10.27 -15.49
CA ASP A 127 14.28 -9.46 -16.40
C ASP A 127 14.07 -8.04 -15.87
N PHE A 128 15.12 -7.45 -15.32
CA PHE A 128 15.06 -6.07 -14.83
C PHE A 128 15.48 -5.10 -15.92
N LYS A 129 14.75 -4.00 -16.03
CA LYS A 129 15.17 -2.92 -16.90
C LYS A 129 16.36 -2.18 -16.29
N GLU A 130 17.32 -1.81 -17.14
CA GLU A 130 18.50 -1.11 -16.65
C GLU A 130 18.14 0.24 -16.07
N ASP A 131 17.51 1.10 -16.88
CA ASP A 131 17.22 2.45 -16.44
C ASP A 131 15.95 2.46 -15.62
N GLY A 132 15.55 1.27 -15.14
CA GLY A 132 14.47 1.18 -14.19
C GLY A 132 14.81 1.80 -12.86
N ASN A 133 13.80 1.88 -12.01
CA ASN A 133 13.99 2.47 -10.70
C ASN A 133 14.91 1.65 -9.80
N ILE A 134 15.24 0.42 -10.20
CA ILE A 134 16.07 -0.45 -9.37
C ILE A 134 17.50 -0.42 -9.88
N LEU A 135 17.74 -0.98 -11.07
CA LEU A 135 19.08 -1.02 -11.63
C LEU A 135 19.59 0.37 -12.04
N GLY A 136 18.74 1.39 -11.99
CA GLY A 136 19.14 2.75 -12.25
C GLY A 136 19.39 3.59 -11.01
N HIS A 137 19.16 3.03 -9.83
CA HIS A 137 19.33 3.73 -8.55
C HIS A 137 18.54 5.05 -8.54
N LYS A 138 17.22 4.88 -8.46
CA LYS A 138 16.29 6.00 -8.49
C LYS A 138 15.43 6.09 -7.24
N LEU A 139 15.61 5.21 -6.27
CA LEU A 139 14.73 5.14 -5.11
C LEU A 139 15.33 5.90 -3.93
N GLU A 140 14.45 6.43 -3.09
CA GLU A 140 14.90 7.06 -1.86
C GLU A 140 15.49 6.02 -0.92
N TYR A 141 16.43 6.47 -0.07
CA TYR A 141 17.08 5.57 0.88
C TYR A 141 16.31 5.60 2.20
N ASN A 142 15.15 4.95 2.19
CA ASN A 142 14.33 4.81 3.38
C ASN A 142 13.28 3.72 3.14
N LEU A 143 12.34 3.60 4.07
CA LEU A 143 11.21 2.69 3.91
C LEU A 143 9.92 3.35 4.42
N ARG A 144 9.85 4.68 4.37
CA ARG A 144 8.65 5.37 4.78
C ARG A 144 7.54 5.20 3.74
N VAL A 145 6.33 5.58 4.12
CA VAL A 145 5.19 5.61 3.21
C VAL A 145 4.92 7.06 2.86
N SER A 146 4.90 7.36 1.56
CA SER A 146 4.66 8.73 1.12
C SER A 146 3.20 9.12 1.32
N THR A 147 2.27 8.18 1.13
CA THR A 147 0.86 8.39 1.36
C THR A 147 0.36 7.43 2.41
N PRO A 148 -0.38 7.88 3.42
CA PRO A 148 -0.90 6.97 4.44
C PRO A 148 -1.78 5.88 3.83
N ARG A 149 -1.86 4.76 4.55
CA ARG A 149 -2.55 3.58 4.04
C ARG A 149 -4.05 3.83 3.88
N TRP A 150 -4.72 4.22 4.96
CA TRP A 150 -6.17 4.41 4.92
C TRP A 150 -6.58 5.55 4.00
N GLU A 151 -5.66 6.43 3.64
CA GLU A 151 -5.95 7.46 2.65
C GLU A 151 -5.67 6.98 1.23
N ARG A 152 -4.68 6.12 1.04
CA ARG A 152 -4.48 5.50 -0.26
C ARG A 152 -5.68 4.64 -0.65
N ILE A 153 -6.26 3.94 0.33
CA ILE A 153 -7.44 3.13 0.07
C ILE A 153 -8.65 4.02 -0.25
N ALA A 154 -8.77 5.15 0.46
CA ALA A 154 -9.87 6.06 0.20
C ALA A 154 -9.80 6.64 -1.21
N ARG A 155 -8.59 6.94 -1.70
CA ARG A 155 -8.45 7.49 -3.04
C ARG A 155 -8.88 6.48 -4.10
N VAL A 156 -8.38 5.24 -4.00
CA VAL A 156 -8.67 4.23 -5.01
C VAL A 156 -10.16 3.91 -5.04
N LEU A 157 -10.78 3.78 -3.87
CA LEU A 157 -12.18 3.40 -3.82
C LEU A 157 -13.08 4.51 -4.37
N VAL A 158 -12.78 5.77 -4.05
CA VAL A 158 -13.65 6.85 -4.48
C VAL A 158 -13.46 7.12 -5.98
N CYS A 159 -12.23 7.04 -6.47
CA CYS A 159 -12.00 7.26 -7.90
C CYS A 159 -12.60 6.15 -8.73
N LEU A 160 -12.47 4.90 -8.28
CA LEU A 160 -13.13 3.79 -8.97
C LEU A 160 -14.64 3.98 -8.99
N LEU A 161 -15.21 4.39 -7.85
CA LEU A 161 -16.64 4.65 -7.79
CA LEU A 161 -16.64 4.64 -7.80
C LEU A 161 -17.03 5.83 -8.65
N GLY A 162 -16.16 6.85 -8.74
CA GLY A 162 -16.47 8.01 -9.55
C GLY A 162 -16.50 7.69 -11.04
N ILE A 163 -15.63 6.79 -11.49
CA ILE A 163 -15.63 6.41 -12.89
C ILE A 163 -16.87 5.60 -13.24
N LEU A 164 -17.28 4.69 -12.36
CA LEU A 164 -18.48 3.89 -12.61
C LEU A 164 -19.71 4.77 -12.73
N LEU A 165 -19.87 5.72 -11.81
CA LEU A 165 -21.04 6.60 -11.82
C LEU A 165 -21.02 7.52 -13.03
N SER A 166 -19.85 8.06 -13.38
CA SER A 166 -19.77 8.97 -14.51
C SER A 166 -19.97 8.22 -15.83
N LEU A 167 -19.35 7.04 -15.98
CA LEU A 167 -19.57 6.25 -17.18
C LEU A 167 -21.03 5.88 -17.33
N TYR A 168 -21.71 5.58 -16.22
CA TYR A 168 -23.13 5.28 -16.30
C TYR A 168 -23.94 6.54 -16.62
N ALA A 169 -23.50 7.68 -16.11
CA ALA A 169 -24.16 8.95 -16.45
C ALA A 169 -23.98 9.27 -17.94
N PHE A 170 -22.81 8.94 -18.48
CA PHE A 170 -22.59 9.09 -19.91
C PHE A 170 -23.46 8.13 -20.71
N HIS A 171 -23.73 6.94 -20.16
CA HIS A 171 -24.60 5.99 -20.84
C HIS A 171 -26.02 6.50 -20.95
N VAL A 172 -26.52 7.16 -19.89
CA VAL A 172 -27.88 7.66 -19.91
C VAL A 172 -28.00 8.86 -20.85
N GLU A 173 -26.97 9.68 -20.92
CA GLU A 173 -27.05 10.88 -21.76
C GLU A 173 -27.03 10.54 -23.24
N ARG A 174 -26.16 9.60 -23.64
CA ARG A 174 -26.00 9.32 -25.06
C ARG A 174 -27.19 8.53 -25.62
N GLU A 175 -27.75 7.63 -24.81
CA GLU A 175 -28.85 6.79 -25.29
C GLU A 175 -30.17 7.53 -25.25
N HIS A 176 -30.42 8.33 -24.21
CA HIS A 176 -31.66 9.09 -24.13
C HIS A 176 -31.78 10.09 -25.28
N ALA A 177 -30.65 10.62 -25.74
CA ALA A 177 -30.63 11.51 -26.89
C ALA A 177 -30.89 10.78 -28.20
N ARG A 178 -30.79 9.44 -28.22
CA ARG A 178 -30.98 8.66 -29.42
C ARG A 178 -32.23 7.79 -29.40
N ASP A 179 -32.74 7.45 -28.22
CA ASP A 179 -33.83 6.47 -28.09
C ASP A 179 -34.90 7.06 -27.19
N PRO A 180 -36.06 7.46 -27.73
CA PRO A 180 -37.11 8.06 -26.90
C PRO A 180 -37.82 7.07 -25.99
N SER A 181 -37.67 5.76 -26.21
CA SER A 181 -38.32 4.76 -25.39
C SER A 181 -37.36 4.12 -24.37
N TYR A 182 -36.33 4.84 -23.97
CA TYR A 182 -35.30 4.33 -23.08
C TYR A 182 -35.50 4.87 -21.67
N LYS A 183 -35.40 3.98 -20.69
CA LYS A 183 -35.55 4.33 -19.28
C LYS A 183 -34.38 3.73 -18.51
N ALA A 184 -33.64 4.58 -17.80
CA ALA A 184 -32.52 4.12 -17.01
C ALA A 184 -33.00 3.62 -15.65
N LEU A 185 -32.07 3.04 -14.88
CA LEU A 185 -32.41 2.56 -13.56
C LEU A 185 -32.79 3.69 -12.61
N CYS A 186 -32.21 4.88 -12.80
CA CYS A 186 -32.58 6.04 -11.99
C CYS A 186 -33.78 6.80 -12.55
N ASP A 187 -34.13 6.57 -13.82
CA ASP A 187 -35.38 7.06 -14.40
C ASP A 187 -36.49 6.12 -13.95
N VAL A 188 -37.28 6.56 -12.96
CA VAL A 188 -38.40 5.78 -12.46
C VAL A 188 -39.67 6.65 -12.50
N SER A 189 -39.77 7.61 -11.60
CA SER A 189 -40.86 8.58 -11.58
C SER A 189 -40.32 9.96 -11.92
N SER A 190 -41.22 10.83 -12.36
CA SER A 190 -40.91 12.25 -12.43
C SER A 190 -40.57 12.75 -11.03
N SER A 191 -39.55 13.62 -10.98
CA SER A 191 -38.79 14.08 -9.82
C SER A 191 -37.74 13.06 -9.38
N ILE A 192 -37.70 11.86 -9.96
CA ILE A 192 -36.59 10.92 -9.83
C ILE A 192 -36.21 10.45 -11.22
N SER A 193 -35.64 11.36 -12.03
CA SER A 193 -35.40 11.11 -13.44
C SER A 193 -33.99 11.57 -13.80
N CYS A 194 -33.15 10.61 -14.21
CA CYS A 194 -31.82 10.92 -14.73
C CYS A 194 -31.91 11.65 -16.07
N SER A 195 -32.74 11.15 -16.99
CA SER A 195 -32.77 11.69 -18.34
C SER A 195 -33.18 13.17 -18.33
N LYS A 196 -34.04 13.56 -17.39
CA LYS A 196 -34.43 14.96 -17.28
C LYS A 196 -33.31 15.84 -16.74
N VAL A 197 -32.29 15.26 -16.14
CA VAL A 197 -31.16 16.01 -15.59
C VAL A 197 -29.99 16.04 -16.58
N PHE A 198 -29.64 14.87 -17.13
CA PHE A 198 -28.55 14.81 -18.11
C PHE A 198 -29.00 15.39 -19.44
N GLY A 199 -30.23 15.07 -19.87
CA GLY A 199 -30.76 15.63 -21.10
C GLY A 199 -31.13 17.09 -21.01
N SER A 200 -31.11 17.67 -19.82
CA SER A 200 -31.39 19.10 -19.66
C SER A 200 -30.26 19.93 -20.25
N ARG A 201 -30.44 21.25 -20.21
CA ARG A 201 -29.45 22.16 -20.77
C ARG A 201 -28.12 22.07 -20.02
N TRP A 202 -28.18 21.99 -18.69
CA TRP A 202 -26.98 21.95 -17.85
C TRP A 202 -26.25 20.62 -17.91
N GLY A 203 -26.63 19.66 -18.75
CA GLY A 203 -25.96 18.38 -18.80
C GLY A 203 -24.81 18.26 -19.77
N ARG A 204 -24.56 19.30 -20.58
CA ARG A 204 -23.48 19.30 -21.56
C ARG A 204 -22.62 20.53 -21.33
N GLY A 205 -21.41 20.32 -20.81
CA GLY A 205 -20.52 21.44 -20.56
C GLY A 205 -21.02 22.39 -19.49
N PHE A 206 -21.83 21.90 -18.55
CA PHE A 206 -22.36 22.70 -17.44
C PHE A 206 -23.26 23.84 -17.94
N GLY A 207 -23.89 23.65 -19.09
CA GLY A 207 -24.79 24.66 -19.62
C GLY A 207 -24.10 25.82 -20.30
N LEU A 208 -23.06 26.36 -19.65
CA LEU A 208 -22.21 27.36 -20.28
C LEU A 208 -21.12 26.65 -21.09
N LEU A 209 -20.14 27.42 -21.59
CA LEU A 209 -19.06 27.03 -22.50
C LEU A 209 -19.58 26.37 -23.76
N GLY A 210 -20.90 26.40 -23.93
CA GLY A 210 -21.57 26.19 -25.18
C GLY A 210 -22.39 27.43 -25.46
N SER A 211 -22.16 28.02 -26.63
CA SER A 211 -22.47 29.38 -27.03
C SER A 211 -21.46 30.32 -26.38
N ILE A 212 -20.58 29.82 -25.50
CA ILE A 212 -19.35 30.52 -25.20
C ILE A 212 -18.22 29.96 -26.07
N PHE A 213 -18.34 28.70 -26.42
CA PHE A 213 -17.64 28.04 -27.51
C PHE A 213 -18.66 27.72 -28.61
N GLY A 214 -18.21 27.02 -29.64
CA GLY A 214 -19.00 26.82 -30.84
C GLY A 214 -20.30 26.07 -30.66
N ASN A 215 -20.53 25.48 -29.48
CA ASN A 215 -21.75 24.73 -29.16
C ASN A 215 -21.81 23.41 -29.92
N ASP A 216 -20.86 23.22 -30.85
CA ASP A 216 -20.63 21.94 -31.50
C ASP A 216 -19.16 21.55 -31.39
N SER A 217 -18.39 22.26 -30.55
CA SER A 217 -16.96 22.03 -30.42
C SER A 217 -16.68 20.74 -29.67
N ALA A 218 -15.40 20.39 -29.61
CA ALA A 218 -14.99 19.22 -28.84
C ALA A 218 -14.99 19.48 -27.34
N LEU A 219 -14.75 20.72 -26.93
CA LEU A 219 -14.78 21.06 -25.51
C LEU A 219 -16.18 20.86 -24.93
N ASN A 220 -17.20 21.35 -25.64
CA ASN A 220 -18.58 21.15 -25.21
C ASN A 220 -18.91 19.66 -25.20
N GLN A 221 -19.12 19.11 -24.02
CA GLN A 221 -19.18 17.67 -23.80
C GLN A 221 -20.10 17.40 -22.63
N PRO A 222 -20.76 16.23 -22.58
CA PRO A 222 -21.53 15.87 -21.39
C PRO A 222 -20.66 15.94 -20.14
N ASN A 223 -21.27 16.41 -19.05
CA ASN A 223 -20.51 16.66 -17.82
C ASN A 223 -19.81 15.41 -17.30
N SER A 224 -20.40 14.23 -17.55
CA SER A 224 -19.80 13.00 -17.06
C SER A 224 -18.43 12.75 -17.66
N VAL A 225 -18.20 13.21 -18.90
CA VAL A 225 -16.92 12.99 -19.56
C VAL A 225 -15.80 13.69 -18.80
N TYR A 226 -16.06 14.93 -18.35
CA TYR A 226 -15.07 15.64 -17.55
C TYR A 226 -14.76 14.88 -16.26
N GLY A 227 -15.77 14.25 -15.67
CA GLY A 227 -15.54 13.44 -14.48
C GLY A 227 -14.65 12.25 -14.76
N ILE A 228 -14.92 11.54 -15.87
CA ILE A 228 -14.10 10.40 -16.26
C ILE A 228 -12.64 10.81 -16.37
N VAL A 229 -12.37 11.91 -17.08
CA VAL A 229 -11.00 12.41 -17.17
C VAL A 229 -10.48 12.82 -15.80
N PHE A 230 -11.34 13.46 -14.99
CA PHE A 230 -10.93 13.91 -13.68
C PHE A 230 -10.65 12.74 -12.74
N TYR A 231 -11.56 11.78 -12.67
CA TYR A 231 -11.39 10.65 -11.75
C TYR A 231 -10.19 9.80 -12.16
N ALA A 232 -9.96 9.61 -13.46
CA ALA A 232 -8.79 8.86 -13.91
C ALA A 232 -7.51 9.64 -13.62
N PHE A 233 -7.51 10.94 -13.91
CA PHE A 233 -6.34 11.76 -13.64
C PHE A 233 -6.04 11.81 -12.14
N GLN A 234 -7.09 11.90 -11.32
CA GLN A 234 -6.89 11.91 -9.87
C GLN A 234 -6.42 10.56 -9.35
N LEU A 235 -6.78 9.47 -10.05
CA LEU A 235 -6.47 8.14 -9.54
C LEU A 235 -5.01 7.76 -9.79
N LEU A 236 -4.46 8.11 -10.95
CA LEU A 236 -3.16 7.61 -11.36
C LEU A 236 -2.02 8.58 -11.07
N LEU A 237 -2.26 9.89 -11.15
CA LEU A 237 -1.26 10.85 -10.69
C LEU A 237 -1.30 11.02 -9.18
N GLY A 238 -2.41 10.66 -8.55
CA GLY A 238 -2.59 10.82 -7.11
C GLY A 238 -1.72 9.94 -6.24
N MET A 239 -0.89 9.08 -6.83
CA MET A 239 0.04 8.28 -6.04
C MET A 239 1.41 8.91 -5.92
N THR A 240 1.79 9.79 -6.84
CA THR A 240 3.05 10.50 -6.74
C THR A 240 2.92 11.64 -5.75
N VAL A 241 3.86 11.71 -4.81
CA VAL A 241 3.89 12.75 -3.79
C VAL A 241 5.03 13.70 -4.15
N SER A 242 4.69 14.81 -4.79
CA SER A 242 5.67 15.78 -5.24
C SER A 242 5.15 17.18 -4.92
N ALA A 243 5.88 18.20 -5.36
CA ALA A 243 5.46 19.59 -5.24
C ALA A 243 4.55 20.00 -6.39
N MET A 244 4.98 19.74 -7.63
CA MET A 244 4.14 20.01 -8.79
C MET A 244 2.88 19.16 -8.74
N ALA A 245 3.03 17.85 -8.52
CA ALA A 245 1.90 16.93 -8.54
C ALA A 245 0.93 17.19 -7.41
N ALA A 246 1.32 17.97 -6.39
CA ALA A 246 0.41 18.26 -5.29
C ALA A 246 -0.58 19.36 -5.66
N LEU A 247 -0.09 20.47 -6.22
CA LEU A 247 -0.98 21.58 -6.54
C LEU A 247 -1.83 21.28 -7.76
N ILE A 248 -1.35 20.45 -8.69
CA ILE A 248 -2.16 20.08 -9.84
C ILE A 248 -3.36 19.27 -9.39
N LEU A 249 -3.20 18.42 -8.37
CA LEU A 249 -4.33 17.69 -7.82
C LEU A 249 -5.28 18.63 -7.07
N MET A 250 -4.73 19.57 -6.31
CA MET A 250 -5.58 20.52 -5.59
C MET A 250 -6.27 21.50 -6.52
N THR A 251 -5.60 21.91 -7.60
CA THR A 251 -6.22 22.81 -8.56
C THR A 251 -7.46 22.18 -9.19
N THR A 252 -7.31 20.95 -9.70
CA THR A 252 -8.44 20.29 -10.35
C THR A 252 -9.53 19.95 -9.34
N SER A 253 -9.14 19.59 -8.11
CA SER A 253 -10.13 19.25 -7.10
C SER A 253 -10.96 20.46 -6.68
N ILE A 254 -10.37 21.66 -6.76
CA ILE A 254 -11.16 22.88 -6.56
C ILE A 254 -12.21 23.02 -7.65
N MET A 255 -11.80 22.75 -8.89
CA MET A 255 -12.75 22.81 -10.02
C MET A 255 -13.87 21.79 -9.86
N SER A 256 -13.62 20.70 -9.12
CA SER A 256 -14.68 19.75 -8.85
C SER A 256 -15.70 20.31 -7.88
N VAL A 257 -15.23 20.99 -6.83
CA VAL A 257 -16.14 21.50 -5.81
C VAL A 257 -16.93 22.70 -6.33
N VAL A 258 -16.31 23.56 -7.15
CA VAL A 258 -17.04 24.69 -7.71
C VAL A 258 -18.03 24.20 -8.76
N GLY A 259 -17.74 23.08 -9.43
CA GLY A 259 -18.68 22.51 -10.37
C GLY A 259 -19.76 21.69 -9.71
N SER A 260 -19.41 20.99 -8.62
CA SER A 260 -20.41 20.22 -7.88
C SER A 260 -21.39 21.13 -7.16
N LEU A 261 -20.89 22.22 -6.57
CA LEU A 261 -21.78 23.18 -5.92
C LEU A 261 -22.72 23.82 -6.93
N TYR A 262 -22.17 24.25 -8.06
CA TYR A 262 -22.99 24.82 -9.13
C TYR A 262 -24.04 23.82 -9.60
N LEU A 263 -23.59 22.63 -9.98
CA LEU A 263 -24.50 21.61 -10.51
C LEU A 263 -25.52 21.18 -9.47
N GLY A 264 -25.09 21.05 -8.21
CA GLY A 264 -26.00 20.62 -7.17
C GLY A 264 -27.10 21.64 -6.88
N TYR A 265 -26.75 22.92 -6.94
CA TYR A 265 -27.75 23.98 -6.79
C TYR A 265 -28.85 23.85 -7.82
N ILE A 266 -28.48 23.73 -9.09
CA ILE A 266 -29.46 23.63 -10.16
C ILE A 266 -30.31 22.37 -10.03
N LEU A 267 -29.74 21.32 -9.44
CA LEU A 267 -30.47 20.06 -9.28
C LEU A 267 -31.65 20.22 -8.33
N TYR A 268 -31.42 20.82 -7.16
CA TYR A 268 -32.46 20.86 -6.14
C TYR A 268 -33.42 22.03 -6.35
N PHE A 269 -32.89 23.23 -6.55
CA PHE A 269 -33.71 24.44 -6.54
C PHE A 269 -34.34 24.72 -7.90
N VAL A 270 -33.65 24.43 -8.99
CA VAL A 270 -34.15 24.73 -10.32
C VAL A 270 -34.98 23.57 -10.85
N LEU A 271 -34.34 22.41 -11.01
CA LEU A 271 -35.01 21.25 -11.58
C LEU A 271 -35.91 20.52 -10.60
N LYS A 272 -35.70 20.71 -9.29
CA LYS A 272 -36.50 20.06 -8.25
C LYS A 272 -36.52 18.55 -8.45
N ASP A 273 -35.33 17.98 -8.64
CA ASP A 273 -35.16 16.58 -8.96
C ASP A 273 -34.34 15.89 -7.87
N LEU A 274 -34.26 14.56 -7.98
CA LEU A 274 -33.42 13.77 -7.09
C LEU A 274 -32.61 12.81 -7.93
N CYS A 275 -31.33 12.67 -7.59
CA CYS A 275 -30.42 11.83 -8.37
C CYS A 275 -29.33 11.34 -7.43
N VAL A 276 -29.42 10.07 -7.03
CA VAL A 276 -28.42 9.50 -6.13
C VAL A 276 -27.06 9.44 -6.79
N ILE A 277 -27.01 9.33 -8.12
CA ILE A 277 -25.73 9.33 -8.82
C ILE A 277 -25.10 10.72 -8.73
N CYS A 278 -25.92 11.77 -8.77
CA CYS A 278 -25.39 13.12 -8.69
C CYS A 278 -24.93 13.45 -7.27
N VAL A 279 -25.74 13.09 -6.26
CA VAL A 279 -25.39 13.39 -4.88
C VAL A 279 -24.08 12.71 -4.49
N THR A 280 -23.93 11.43 -4.85
CA THR A 280 -22.71 10.72 -4.49
C THR A 280 -21.50 11.32 -5.18
N THR A 281 -21.61 11.62 -6.47
CA THR A 281 -20.49 12.22 -7.19
C THR A 281 -20.09 13.56 -6.57
N TYR A 282 -21.07 14.32 -6.06
CA TYR A 282 -20.73 15.51 -5.29
C TYR A 282 -19.96 15.14 -4.03
N ALA A 283 -20.45 14.14 -3.31
CA ALA A 283 -19.76 13.67 -2.12
C ALA A 283 -18.39 13.12 -2.46
N LEU A 284 -18.30 12.34 -3.54
CA LEU A 284 -17.01 11.81 -3.97
C LEU A 284 -16.03 12.93 -4.29
N ASN A 285 -16.52 14.01 -4.91
CA ASN A 285 -15.63 15.12 -5.24
C ASN A 285 -15.20 15.88 -3.99
N PHE A 286 -16.08 15.98 -2.99
CA PHE A 286 -15.71 16.64 -1.74
C PHE A 286 -14.71 15.80 -0.94
N ILE A 287 -14.81 14.48 -1.02
CA ILE A 287 -13.84 13.62 -0.35
C ILE A 287 -12.46 13.77 -0.99
N LEU A 288 -12.41 13.91 -2.31
CA LEU A 288 -11.12 14.10 -2.98
C LEU A 288 -10.49 15.44 -2.60
N PHE A 289 -11.30 16.46 -2.38
CA PHE A 289 -10.77 17.77 -2.01
C PHE A 289 -10.04 17.72 -0.68
N VAL A 290 -10.65 17.11 0.33
CA VAL A 290 -10.04 17.07 1.66
C VAL A 290 -8.86 16.11 1.69
N LEU A 291 -8.84 15.11 0.80
CA LEU A 291 -7.69 14.22 0.75
C LEU A 291 -6.50 14.89 0.07
N ASN A 292 -6.75 15.72 -0.96
CA ASN A 292 -5.67 16.49 -1.56
C ASN A 292 -5.22 17.61 -0.64
N TYR A 293 -6.11 18.11 0.22
CA TYR A 293 -5.73 19.13 1.19
C TYR A 293 -4.80 18.57 2.25
N LYS A 294 -4.93 17.30 2.59
CA LYS A 294 -4.04 16.69 3.58
C LYS A 294 -2.60 16.67 3.08
N ARG A 295 -2.39 16.31 1.81
CA ARG A 295 -1.03 16.12 1.31
C ARG A 295 -0.25 17.43 1.31
N LEU A 296 -0.92 18.55 1.06
CA LEU A 296 -0.24 19.85 1.10
C LEU A 296 0.21 20.20 2.51
N VAL A 297 -0.53 19.79 3.53
CA VAL A 297 -0.05 19.95 4.90
C VAL A 297 0.90 18.83 5.28
N TYR A 298 0.86 17.69 4.57
CA TYR A 298 1.91 16.70 4.71
C TYR A 298 3.23 17.20 4.14
N LEU A 299 3.17 18.02 3.08
CA LEU A 299 4.36 18.59 2.49
C LEU A 299 4.88 19.79 3.26
N ASN A 300 3.99 20.57 3.87
CA ASN A 300 4.42 21.73 4.65
C ASN A 300 5.13 21.28 5.93
N GLU A 301 4.67 20.21 6.54
CA GLU A 301 5.28 19.69 7.77
C GLU A 301 6.26 18.57 7.42
N ALA A 302 7.23 18.92 6.58
CA ALA A 302 8.17 17.92 6.06
C ALA A 302 9.17 17.49 7.13
N TRP A 303 9.59 18.41 8.00
CA TRP A 303 10.55 18.07 9.04
C TRP A 303 9.95 17.04 10.00
N LYS A 304 8.69 17.23 10.37
CA LYS A 304 7.99 16.32 11.27
C LYS A 304 7.89 14.91 10.72
N GLN A 305 7.96 14.76 9.40
CA GLN A 305 7.68 13.49 8.75
C GLN A 305 8.92 12.77 8.25
N LYS A 306 10.11 13.35 8.42
CA LYS A 306 11.34 12.62 8.16
C LYS A 306 11.73 11.70 9.34
N LEU A 307 10.77 11.36 10.21
CA LEU A 307 11.08 10.65 11.44
C LEU A 307 11.26 9.15 11.24
N GLN A 308 10.59 8.58 10.23
CA GLN A 308 10.83 7.21 9.78
C GLN A 308 10.28 6.14 10.73
N ALA A 309 10.18 6.46 12.03
CA ALA A 309 9.76 5.48 13.02
C ALA A 309 8.28 5.55 13.38
N LYS A 310 7.53 6.43 12.71
CA LYS A 310 6.12 6.62 13.05
C LYS A 310 5.30 5.38 12.63
N GLN A 311 4.24 5.11 13.39
CA GLN A 311 3.42 3.93 13.12
C GLN A 311 2.68 4.02 11.80
N ASP A 312 2.60 5.20 11.19
CA ASP A 312 2.07 5.28 9.83
C ASP A 312 3.00 4.63 8.82
N ASN A 313 4.31 4.67 9.07
CA ASN A 313 5.31 4.05 8.20
C ASN A 313 5.43 2.55 8.40
N SER A 314 4.43 1.89 8.98
CA SER A 314 4.51 0.46 9.23
C SER A 314 3.95 -0.33 8.05
N HIS A 315 4.36 -1.59 7.97
CA HIS A 315 3.90 -2.51 6.92
C HIS A 315 3.42 -3.80 7.58
N ASN A 316 2.26 -4.27 7.15
CA ASN A 316 1.68 -5.50 7.68
C ASN A 316 2.05 -6.68 6.80
N VAL A 317 2.35 -7.81 7.43
CA VAL A 317 2.69 -9.05 6.75
C VAL A 317 1.65 -10.08 7.15
N TYR A 318 0.67 -10.33 6.28
CA TYR A 318 -0.48 -11.17 6.59
C TYR A 318 -0.11 -12.63 6.39
N ILE A 319 -0.23 -13.41 7.46
CA ILE A 319 0.18 -14.81 7.47
C ILE A 319 -1.06 -15.70 7.50
N THR A 320 -0.97 -16.85 6.84
CA THR A 320 -1.96 -17.90 6.94
C THR A 320 -1.25 -19.25 6.99
N ALA A 321 -1.95 -20.25 7.52
CA ALA A 321 -1.36 -21.56 7.73
C ALA A 321 -1.24 -22.31 6.40
N ASP A 322 -0.39 -23.36 6.42
CA ASP A 322 -0.18 -24.24 5.28
C ASP A 322 -0.10 -25.67 5.81
N LYS A 323 -1.26 -26.20 6.25
CA LYS A 323 -1.31 -27.51 6.86
C LYS A 323 -0.84 -28.60 5.90
N GLN A 324 -1.01 -28.38 4.59
CA GLN A 324 -0.60 -29.38 3.61
C GLN A 324 0.89 -29.68 3.69
N LYS A 325 1.71 -28.67 4.00
CA LYS A 325 3.17 -28.84 4.08
C LYS A 325 3.72 -28.52 5.46
N ASN A 326 2.85 -28.46 6.48
CA ASN A 326 3.28 -28.24 7.87
C ASN A 326 4.04 -26.93 8.02
N GLY A 327 3.61 -25.90 7.28
CA GLY A 327 4.27 -24.60 7.31
C GLY A 327 3.31 -23.44 7.22
N ILE A 328 3.81 -22.28 6.79
CA ILE A 328 3.01 -21.07 6.64
C ILE A 328 3.33 -20.40 5.31
N LYS A 329 2.46 -19.47 4.93
CA LYS A 329 2.65 -18.65 3.73
C LYS A 329 2.07 -17.27 3.99
N ALA A 330 2.61 -16.26 3.30
CA ALA A 330 2.24 -14.88 3.59
C ALA A 330 2.30 -14.06 2.31
N ASN A 331 1.67 -12.88 2.38
CA ASN A 331 1.68 -11.94 1.27
C ASN A 331 1.58 -10.52 1.82
N PHE A 332 2.20 -9.58 1.11
CA PHE A 332 2.13 -8.16 1.46
C PHE A 332 2.71 -7.36 0.30
N LYS A 333 2.61 -6.04 0.42
CA LYS A 333 3.05 -5.13 -0.63
C LYS A 333 3.91 -4.02 -0.02
N ILE A 334 4.95 -3.64 -0.75
CA ILE A 334 5.85 -2.56 -0.35
C ILE A 334 5.87 -1.52 -1.46
N ARG A 335 5.81 -0.25 -1.09
CA ARG A 335 5.72 0.86 -2.04
C ARG A 335 6.95 1.74 -1.85
N HIS A 336 8.00 1.46 -2.61
CA HIS A 336 9.23 2.22 -2.51
C HIS A 336 9.03 3.65 -3.03
N ASN A 337 9.75 4.59 -2.41
CA ASN A 337 9.68 5.99 -2.81
C ASN A 337 10.80 6.27 -3.81
N VAL A 338 10.44 6.54 -5.04
CA VAL A 338 11.39 6.86 -6.10
C VAL A 338 11.62 8.37 -6.10
N GLU A 339 12.83 8.77 -6.50
CA GLU A 339 13.31 10.14 -6.32
C GLU A 339 12.40 11.20 -6.92
N ASP A 340 11.58 10.85 -7.92
CA ASP A 340 10.74 11.87 -8.55
C ASP A 340 9.41 12.08 -7.82
N GLY A 341 9.05 11.23 -6.87
CA GLY A 341 7.83 11.37 -6.11
C GLY A 341 6.85 10.24 -6.27
N SER A 342 6.92 9.47 -7.36
CA SER A 342 5.97 8.39 -7.57
C SER A 342 6.28 7.18 -6.68
N VAL A 343 5.75 6.01 -7.02
CA VAL A 343 5.81 4.83 -6.17
C VAL A 343 6.24 3.64 -7.00
N GLN A 344 7.21 2.89 -6.50
CA GLN A 344 7.63 1.62 -7.10
C GLN A 344 7.07 0.48 -6.26
N LEU A 345 6.05 -0.21 -6.79
CA LEU A 345 5.40 -1.27 -6.05
C LEU A 345 6.23 -2.55 -6.12
N ALA A 346 6.14 -3.36 -5.06
CA ALA A 346 6.88 -4.62 -4.95
C ALA A 346 5.98 -5.65 -4.29
N ASP A 347 5.46 -6.59 -5.09
CA ASP A 347 4.61 -7.65 -4.57
C ASP A 347 5.46 -8.70 -3.87
N HIS A 348 4.97 -9.20 -2.74
CA HIS A 348 5.68 -10.18 -1.93
C HIS A 348 4.81 -11.43 -1.76
N TYR A 349 5.41 -12.60 -2.00
CA TYR A 349 4.77 -13.88 -1.78
C TYR A 349 5.76 -14.77 -1.05
N GLN A 350 5.40 -15.20 0.15
CA GLN A 350 6.32 -15.88 1.05
C GLN A 350 5.83 -17.27 1.38
N GLN A 351 6.76 -18.20 1.57
CA GLN A 351 6.45 -19.57 1.95
C GLN A 351 7.54 -20.08 2.89
N ASN A 352 7.12 -20.64 4.03
CA ASN A 352 8.03 -21.13 5.05
C ASN A 352 7.78 -22.60 5.32
N THR A 353 8.86 -23.36 5.49
CA THR A 353 8.81 -24.80 5.74
C THR A 353 9.87 -25.16 6.77
N PRO A 354 9.52 -25.93 7.80
CA PRO A 354 10.51 -26.31 8.82
C PRO A 354 11.60 -27.20 8.26
N ILE A 355 12.80 -27.06 8.84
CA ILE A 355 13.93 -27.89 8.41
C ILE A 355 13.86 -29.27 9.03
N GLY A 356 13.94 -29.33 10.36
CA GLY A 356 13.85 -30.60 11.05
C GLY A 356 12.42 -31.13 11.10
N ASP A 357 12.29 -32.34 11.62
CA ASP A 357 11.01 -33.03 11.69
C ASP A 357 10.61 -33.15 13.16
N GLY A 358 10.04 -32.06 13.68
CA GLY A 358 9.55 -32.01 15.03
C GLY A 358 8.22 -31.30 15.11
N PRO A 359 7.63 -31.26 16.30
CA PRO A 359 6.33 -30.58 16.46
C PRO A 359 6.49 -29.07 16.32
N VAL A 360 5.85 -28.51 15.30
CA VAL A 360 5.81 -27.07 15.10
C VAL A 360 4.38 -26.60 15.36
N LEU A 361 4.25 -25.29 15.57
CA LEU A 361 2.97 -24.67 15.91
C LEU A 361 2.42 -23.96 14.69
N LEU A 362 1.45 -24.59 14.03
CA LEU A 362 0.79 -23.94 12.89
C LEU A 362 -0.18 -22.88 13.39
N PRO A 363 -0.09 -21.66 12.88
CA PRO A 363 -0.85 -20.55 13.45
C PRO A 363 -2.20 -20.32 12.80
N ASP A 364 -2.96 -19.38 13.35
CA ASP A 364 -4.16 -18.86 12.72
C ASP A 364 -3.83 -17.62 11.90
N ASN A 365 -4.80 -17.15 11.13
CA ASN A 365 -4.61 -15.99 10.28
C ASN A 365 -4.38 -14.73 11.11
N HIS A 366 -3.13 -14.26 11.15
CA HIS A 366 -2.76 -13.04 11.84
C HIS A 366 -1.81 -12.26 10.93
N TYR A 367 -1.18 -11.21 11.47
CA TYR A 367 -0.22 -10.45 10.69
C TYR A 367 0.86 -9.89 11.61
N LEU A 368 1.99 -9.54 11.00
CA LEU A 368 3.14 -8.97 11.70
C LEU A 368 3.30 -7.52 11.25
N SER A 369 3.09 -6.59 12.17
CA SER A 369 3.31 -5.18 11.90
C SER A 369 4.80 -4.86 12.02
N THR A 370 5.37 -4.29 10.97
CA THR A 370 6.81 -4.10 10.89
C THR A 370 7.16 -2.64 10.59
N GLN A 371 8.24 -2.16 11.20
CA GLN A 371 8.77 -0.83 10.95
C GLN A 371 10.28 -0.93 10.83
N SER A 372 10.86 -0.11 9.95
CA SER A 372 12.29 -0.14 9.69
C SER A 372 12.89 1.26 9.79
N VAL A 373 14.14 1.30 10.22
CA VAL A 373 14.93 2.53 10.26
C VAL A 373 16.25 2.25 9.57
N LEU A 374 16.55 3.01 8.51
CA LEU A 374 17.73 2.81 7.68
C LEU A 374 18.66 4.01 7.88
N SER A 375 19.81 3.76 8.47
CA SER A 375 20.79 4.80 8.81
C SER A 375 22.09 4.56 8.05
N LYS A 376 23.05 5.44 8.30
CA LYS A 376 24.37 5.39 7.68
C LYS A 376 25.44 5.46 8.75
N ASP A 377 26.70 5.34 8.32
CA ASP A 377 27.86 5.40 9.21
C ASP A 377 28.94 6.24 8.54
N PRO A 378 29.38 7.34 9.17
CA PRO A 378 30.42 8.17 8.54
C PRO A 378 31.79 7.53 8.56
N ASN A 379 32.08 6.65 9.52
CA ASN A 379 33.40 6.03 9.59
C ASN A 379 33.54 4.89 8.59
N GLU A 380 32.45 4.23 8.22
CA GLU A 380 32.50 3.14 7.26
C GLU A 380 32.50 3.70 5.83
N LYS A 381 33.49 3.28 5.04
CA LYS A 381 33.64 3.79 3.68
C LYS A 381 33.02 2.87 2.63
N ARG A 382 32.77 1.61 2.96
CA ARG A 382 32.16 0.69 2.02
C ARG A 382 30.67 0.97 1.89
N ASP A 383 30.05 0.33 0.90
CA ASP A 383 28.60 0.44 0.69
C ASP A 383 27.91 -0.38 1.77
N HIS A 384 27.25 0.29 2.71
CA HIS A 384 26.74 -0.35 3.91
C HIS A 384 25.31 0.10 4.19
N MET A 385 24.73 -0.48 5.25
CA MET A 385 23.39 -0.10 5.70
C MET A 385 23.23 -0.50 7.16
N VAL A 386 22.84 0.44 8.00
CA VAL A 386 22.51 0.18 9.39
C VAL A 386 20.99 0.06 9.50
N LEU A 387 20.52 -1.01 10.13
CA LEU A 387 19.10 -1.33 10.15
C LEU A 387 18.63 -1.57 11.57
N LEU A 388 17.36 -1.22 11.82
CA LEU A 388 16.72 -1.42 13.11
C LEU A 388 15.24 -1.67 12.85
N GLU A 389 14.75 -2.85 13.22
CA GLU A 389 13.40 -3.26 12.89
C GLU A 389 12.56 -3.52 14.13
N PHE A 390 11.24 -3.49 13.94
CA PHE A 390 10.28 -3.68 15.02
C PHE A 390 9.14 -4.55 14.50
N VAL A 391 9.05 -5.78 14.99
CA VAL A 391 8.03 -6.72 14.56
C VAL A 391 7.21 -7.13 15.78
N THR A 392 5.89 -6.96 15.68
CA THR A 392 4.96 -7.42 16.69
C THR A 392 3.73 -7.99 16.01
N ALA A 393 3.15 -9.02 16.61
CA ALA A 393 2.03 -9.73 16.03
C ALA A 393 0.70 -9.13 16.47
N ALA A 394 -0.27 -9.18 15.57
CA ALA A 394 -1.59 -8.63 15.82
C ALA A 394 -2.59 -9.37 14.93
N GLY A 395 -3.87 -9.03 15.08
CA GLY A 395 -4.93 -9.64 14.30
C GLY A 395 -5.81 -10.61 15.04
N ILE A 396 -5.53 -10.90 16.32
CA ILE A 396 -6.32 -11.84 17.09
C ILE A 396 -7.37 -11.07 17.88
N THR A 397 -8.47 -11.74 18.20
CA THR A 397 -9.61 -11.15 18.89
C THR A 397 -9.48 -11.28 20.40
N HIS A 398 -10.40 -10.60 21.09
CA HIS A 398 -10.47 -10.51 22.56
C HIS A 398 -9.09 -10.42 23.21
N GLU A 402 -17.00 -12.18 20.36
CA GLU A 402 -18.09 -11.29 20.76
C GLU A 402 -18.11 -11.09 22.27
N LEU A 403 -18.66 -9.97 22.72
CA LEU A 403 -18.70 -9.62 24.13
C LEU A 403 -20.15 -9.52 24.59
N TYR A 404 -20.78 -10.67 24.80
CA TYR A 404 -22.02 -10.70 25.57
C TYR A 404 -21.75 -10.31 27.02
N LYS A 405 -20.75 -10.95 27.63
CA LYS A 405 -20.35 -10.68 29.01
C LYS A 405 -19.63 -9.36 29.11
N SER A 406 -20.35 -8.26 28.93
CA SER A 406 -19.81 -6.91 29.04
C SER A 406 -20.60 -6.16 30.11
N ASN A 407 -19.88 -5.45 30.97
CA ASN A 407 -20.51 -4.83 32.14
C ASN A 407 -21.61 -3.86 31.76
N SER A 408 -21.51 -3.22 30.58
CA SER A 408 -22.52 -2.26 30.18
C SER A 408 -23.85 -2.94 29.85
N LEU A 409 -23.81 -3.96 29.01
CA LEU A 409 -25.04 -4.68 28.65
C LEU A 409 -25.55 -5.50 29.82
N GLU A 410 -24.65 -6.08 30.62
CA GLU A 410 -25.07 -6.93 31.73
C GLU A 410 -25.74 -6.12 32.83
N VAL A 411 -25.28 -4.89 33.08
CA VAL A 411 -25.86 -4.07 34.14
C VAL A 411 -27.24 -3.54 33.75
N LEU A 412 -27.53 -3.44 32.45
CA LEU A 412 -28.88 -3.10 32.02
C LEU A 412 -29.83 -4.28 32.20
N PHE A 413 -29.35 -5.49 31.95
CA PHE A 413 -30.14 -6.72 32.05
C PHE A 413 -29.86 -7.37 33.41
N GLN A 414 -30.63 -6.97 34.41
CA GLN A 414 -30.49 -7.57 35.74
C GLN A 414 -31.70 -8.44 36.08
C1 SWF B . -22.99 11.94 -11.62
C2 SWF B . -22.44 12.28 -12.99
O3 SWF B . -21.43 11.77 -13.39
C4 SWF B . -23.18 13.28 -13.85
C5 SWF B . -23.50 14.51 -13.00
C6 SWF B . -22.19 15.24 -12.64
C7 SWF B . -21.29 15.59 -13.63
C8 SWF B . -20.12 16.25 -13.30
C9 SWF B . -19.84 16.55 -11.98
C10 SWF B . -20.73 16.19 -10.99
C11 SWF B . -21.91 15.54 -11.32
C12 SWF B . -24.56 15.45 -13.59
C13 SWF B . -25.42 16.02 -12.70
O14 SWF B . -25.14 16.19 -11.34
C15 SWF B . -26.17 17.14 -13.05
C16 SWF B . -26.91 17.85 -12.07
C17 SWF B . -27.65 18.96 -12.44
C18 SWF B . -27.67 19.38 -13.76
C19 SWF B . -26.94 18.69 -14.73
C20 SWF B . -26.19 17.56 -14.36
O21 SWF B . -25.47 16.86 -15.30
C22 SWF B . -24.62 15.85 -14.93
O23 SWF B . -23.96 15.35 -15.78
#